data_1HL7
#
_entry.id   1HL7
#
_cell.length_a   240.592
_cell.length_b   240.592
_cell.length_c   240.592
_cell.angle_alpha   90.00
_cell.angle_beta   90.00
_cell.angle_gamma   90.00
#
_symmetry.space_group_name_H-M   'F 2 3'
#
loop_
_entity.id
_entity.type
_entity.pdbx_description
1 polymer 'GAMMA LACTAMASE'
2 non-polymer '3A,4,7,7A-TETRAHYDRO-BENZO [1,3] DIOXOL-2-ONE'
3 water water
#
_entity_poly.entity_id   1
_entity_poly.type   'polypeptide(L)'
_entity_poly.pdbx_seq_one_letter_code
;GYITVGNENSTPIELYYEDQGSGQPVVLIHGYPLDGHSWERQTRELLAQGYRVITYDRRGFGGSSKVNTGYDYDTFAADL
HTVLETLDLRDVVLVGFSMGTGELARYVARYGHERVAKLAFLASLEPFLVQRDDNPEGVPQEVFDGIEAAAKGDRFAWFT
DFYKNFYNLDENLGSRISEQAVTGSWNVAIGSAPVAAYAVVPAWIEDFRSDVEAVRAAGKPTLILHGTKDNILPIDATAR
RFHQAVPEADYVEVEGAPHGLLWTHADEVNAALKTFLAK
;
_entity_poly.pdbx_strand_id   A,B
#
loop_
_chem_comp.id
_chem_comp.type
_chem_comp.name
_chem_comp.formula
BD1 non-polymer '3A,4,7,7A-TETRAHYDRO-BENZO [1,3] DIOXOL-2-ONE' 'C7 H10 O3'
#
# COMPACT_ATOMS: atom_id res chain seq x y z
N GLY A 1 -1.06 28.14 16.86
CA GLY A 1 -0.13 27.15 17.51
C GLY A 1 0.91 26.70 16.50
N TYR A 2 2.00 26.09 17.00
CA TYR A 2 3.00 25.47 16.10
C TYR A 2 3.39 24.09 16.59
N ILE A 3 3.62 23.20 15.62
CA ILE A 3 4.17 21.86 15.88
C ILE A 3 5.45 21.69 15.07
N THR A 4 6.52 21.33 15.76
CA THR A 4 7.80 21.09 15.10
C THR A 4 7.83 19.72 14.42
N VAL A 5 8.20 19.69 13.15
CA VAL A 5 8.16 18.44 12.39
C VAL A 5 9.52 18.04 11.81
N GLY A 6 10.52 18.88 12.02
CA GLY A 6 11.83 18.59 11.45
C GLY A 6 12.73 19.80 11.54
N ASN A 7 13.82 19.78 10.77
CA ASN A 7 14.73 20.92 10.70
C ASN A 7 15.19 21.15 9.28
N GLU A 8 15.37 22.43 8.95
CA GLU A 8 16.00 22.77 7.69
C GLU A 8 17.24 23.55 8.09
N ASN A 9 18.40 22.93 7.92
CA ASN A 9 19.65 23.53 8.41
C ASN A 9 19.48 23.98 9.87
N SER A 10 19.78 25.25 10.19
CA SER A 10 19.75 25.72 11.57
C SER A 10 18.34 26.04 12.09
N THR A 11 17.31 25.85 11.26
CA THR A 11 15.95 26.26 11.64
C THR A 11 15.02 25.08 11.85
N PRO A 12 14.19 25.15 12.88
CA PRO A 12 13.16 24.12 13.05
C PRO A 12 12.08 24.30 11.98
N ILE A 13 11.55 23.19 11.47
CA ILE A 13 10.41 23.27 10.56
C ILE A 13 9.16 23.21 11.43
N GLU A 14 8.40 24.30 11.44
CA GLU A 14 7.25 24.43 12.34
C GLU A 14 6.00 24.57 11.49
N LEU A 15 4.96 23.79 11.82
CA LEU A 15 3.68 23.93 11.12
C LEU A 15 2.72 24.71 11.98
N TYR A 16 2.12 25.73 11.37
CA TYR A 16 1.10 26.51 12.08
C TYR A 16 -0.17 25.67 12.15
N TYR A 17 -0.87 25.70 13.28
CA TYR A 17 -2.13 24.98 13.37
C TYR A 17 -3.10 25.64 14.34
N GLU A 18 -4.37 25.28 14.19
CA GLU A 18 -5.43 25.78 15.08
C GLU A 18 -6.18 24.56 15.60
N ASP A 19 -6.70 24.68 16.83
CA ASP A 19 -7.28 23.53 17.53
C ASP A 19 -8.45 24.07 18.32
N GLN A 20 -9.65 23.79 17.82
CA GLN A 20 -10.84 24.52 18.29
C GLN A 20 -11.98 23.57 18.60
N GLY A 21 -12.84 23.98 19.53
CA GLY A 21 -14.01 23.16 19.85
C GLY A 21 -13.73 21.99 20.76
N SER A 22 -14.75 21.13 20.90
CA SER A 22 -14.64 19.95 21.75
C SER A 22 -15.38 18.83 21.04
N GLY A 23 -14.95 17.60 21.27
CA GLY A 23 -15.61 16.45 20.67
C GLY A 23 -14.63 15.62 19.87
N GLN A 24 -15.16 14.79 18.98
CA GLN A 24 -14.32 13.90 18.18
C GLN A 24 -13.43 14.81 17.31
N PRO A 25 -12.14 14.51 17.21
CA PRO A 25 -11.24 15.36 16.42
C PRO A 25 -11.44 15.19 14.93
N VAL A 26 -11.44 16.32 14.21
CA VAL A 26 -11.54 16.30 12.77
C VAL A 26 -10.40 17.18 12.29
N VAL A 27 -9.53 16.62 11.45
CA VAL A 27 -8.35 17.35 10.96
C VAL A 27 -8.59 17.68 9.49
N LEU A 28 -8.56 18.98 9.15
CA LEU A 28 -8.84 19.43 7.78
C LEU A 28 -7.52 19.88 7.15
N ILE A 29 -7.22 19.36 5.97
CA ILE A 29 -5.90 19.56 5.33
C ILE A 29 -6.11 20.25 3.99
N HIS A 30 -5.70 21.51 3.94
CA HIS A 30 -6.03 22.43 2.85
C HIS A 30 -5.34 22.15 1.52
N GLY A 31 -5.82 22.84 0.48
CA GLY A 31 -5.27 22.71 -0.87
C GLY A 31 -4.25 23.81 -1.17
N TYR A 32 -3.50 23.61 -2.25
CA TYR A 32 -2.59 24.63 -2.75
C TYR A 32 -3.40 25.76 -3.37
N PRO A 33 -2.98 27.03 -3.25
CA PRO A 33 -1.86 27.50 -2.43
C PRO A 33 -2.39 28.29 -1.22
N LEU A 34 -3.40 27.70 -0.57
CA LEU A 34 -4.16 28.38 0.48
C LEU A 34 -3.61 28.02 1.85
N ASP A 35 -4.44 28.16 2.89
CA ASP A 35 -4.04 27.80 4.24
C ASP A 35 -5.26 27.25 5.01
N GLY A 36 -5.11 26.99 6.30
CA GLY A 36 -6.20 26.37 7.07
C GLY A 36 -7.49 27.19 7.10
N HIS A 37 -7.38 28.51 6.98
CA HIS A 37 -8.58 29.37 6.98
C HIS A 37 -9.43 29.20 5.74
N SER A 38 -8.89 28.57 4.69
CA SER A 38 -9.70 28.33 3.49
C SER A 38 -10.86 27.39 3.76
N TRP A 39 -10.80 26.68 4.90
CA TRP A 39 -11.88 25.79 5.32
C TRP A 39 -12.99 26.51 6.08
N GLU A 40 -12.94 27.85 6.20
CA GLU A 40 -13.80 28.53 7.17
C GLU A 40 -15.29 28.18 7.05
N ARG A 41 -15.80 28.01 5.83
CA ARG A 41 -17.23 27.68 5.67
C ARG A 41 -17.56 26.26 6.15
N GLN A 42 -16.58 25.36 6.14
CA GLN A 42 -16.75 24.03 6.71
C GLN A 42 -16.48 24.02 8.23
N THR A 43 -15.41 24.68 8.65
CA THR A 43 -15.00 24.69 10.04
C THR A 43 -16.14 25.11 10.95
N ARG A 44 -16.80 26.20 10.59
CA ARG A 44 -17.80 26.72 11.51
C ARG A 44 -18.98 25.78 11.65
N GLU A 45 -19.30 25.03 10.59
CA GLU A 45 -20.39 24.05 10.67
C GLU A 45 -20.00 22.83 11.48
N LEU A 46 -18.77 22.35 11.30
CA LEU A 46 -18.33 21.19 12.08
C LEU A 46 -18.23 21.52 13.57
N LEU A 47 -17.81 22.74 13.89
CA LEU A 47 -17.75 23.15 15.30
C LEU A 47 -19.17 23.16 15.87
N ALA A 48 -20.12 23.66 15.07
CA ALA A 48 -21.52 23.78 15.53
C ALA A 48 -22.11 22.39 15.75
N GLN A 49 -21.62 21.41 15.00
CA GLN A 49 -22.06 20.01 15.13
C GLN A 49 -21.42 19.27 16.30
N GLY A 50 -20.52 19.94 17.02
CA GLY A 50 -19.90 19.35 18.20
C GLY A 50 -18.66 18.51 17.94
N TYR A 51 -17.88 18.90 16.92
CA TYR A 51 -16.57 18.31 16.65
C TYR A 51 -15.49 19.26 17.11
N ARG A 52 -14.33 18.68 17.41
CA ARG A 52 -13.11 19.43 17.69
C ARG A 52 -12.42 19.57 16.34
N VAL A 53 -12.28 20.79 15.84
CA VAL A 53 -11.76 20.97 14.48
C VAL A 53 -10.34 21.50 14.53
N ILE A 54 -9.43 20.78 13.89
CA ILE A 54 -8.02 21.14 13.84
C ILE A 54 -7.69 21.37 12.38
N THR A 55 -7.02 22.47 12.10
CA THR A 55 -6.42 22.67 10.75
C THR A 55 -4.96 22.93 10.95
N TYR A 56 -4.16 22.61 9.95
CA TYR A 56 -2.78 23.07 9.98
C TYR A 56 -2.38 23.53 8.60
N ASP A 57 -1.30 24.31 8.51
CA ASP A 57 -0.82 24.79 7.21
C ASP A 57 0.33 23.90 6.76
N ARG A 58 0.22 23.41 5.52
CA ARG A 58 1.28 22.58 4.95
C ARG A 58 2.61 23.35 4.92
N ARG A 59 3.72 22.63 5.11
CA ARG A 59 5.02 23.30 4.99
C ARG A 59 5.08 24.12 3.70
N GLY A 60 5.66 25.32 3.83
CA GLY A 60 5.72 26.25 2.70
C GLY A 60 4.53 27.18 2.54
N PHE A 61 3.43 26.93 3.26
CA PHE A 61 2.18 27.67 3.05
C PHE A 61 1.69 28.35 4.33
N GLY A 62 0.87 29.39 4.17
CA GLY A 62 0.22 30.02 5.31
C GLY A 62 1.24 30.45 6.36
N GLY A 63 1.01 30.02 7.60
CA GLY A 63 1.90 30.38 8.70
C GLY A 63 3.04 29.43 9.01
N SER A 64 3.24 28.42 8.15
CA SER A 64 4.24 27.38 8.40
C SER A 64 5.60 27.73 7.82
N SER A 65 6.64 27.01 8.24
CA SER A 65 7.99 27.33 7.79
C SER A 65 8.11 27.37 6.26
N LYS A 66 8.82 28.37 5.76
CA LYS A 66 8.90 28.59 4.30
C LYS A 66 10.16 27.88 3.80
N VAL A 67 10.10 26.54 3.82
CA VAL A 67 11.26 25.72 3.56
C VAL A 67 11.56 25.56 2.06
N ASN A 68 12.75 25.02 1.77
CA ASN A 68 13.12 24.73 0.40
C ASN A 68 13.01 23.24 0.08
N THR A 69 12.94 22.44 1.13
CA THR A 69 13.10 20.99 1.04
C THR A 69 11.83 20.26 1.47
N GLY A 70 11.61 19.06 0.93
CA GLY A 70 10.55 18.20 1.43
C GLY A 70 9.19 18.39 0.79
N TYR A 71 9.14 18.94 -0.41
CA TYR A 71 7.87 19.10 -1.13
C TYR A 71 7.56 17.80 -1.88
N ASP A 72 7.25 16.78 -1.09
CA ASP A 72 6.91 15.46 -1.59
C ASP A 72 5.97 14.79 -0.60
N TYR A 73 5.15 13.84 -1.08
CA TYR A 73 4.15 13.29 -0.18
C TYR A 73 4.68 12.38 0.93
N ASP A 74 5.85 11.76 0.76
CA ASP A 74 6.42 11.05 1.93
C ASP A 74 6.66 12.04 3.07
N THR A 75 7.19 13.21 2.73
CA THR A 75 7.43 14.23 3.76
C THR A 75 6.11 14.82 4.27
N PHE A 76 5.20 15.13 3.36
CA PHE A 76 3.91 15.70 3.78
C PHE A 76 3.16 14.73 4.71
N ALA A 77 3.27 13.42 4.44
CA ALA A 77 2.64 12.44 5.30
C ALA A 77 3.36 12.33 6.65
N ALA A 78 4.69 12.45 6.63
CA ALA A 78 5.45 12.41 7.87
C ALA A 78 5.09 13.62 8.74
N ASP A 79 4.89 14.78 8.10
CA ASP A 79 4.43 15.97 8.82
C ASP A 79 3.08 15.72 9.51
N LEU A 80 2.13 15.15 8.77
CA LEU A 80 0.82 14.83 9.32
C LEU A 80 0.97 13.82 10.47
N HIS A 81 1.82 12.82 10.27
CA HIS A 81 2.07 11.85 11.33
C HIS A 81 2.53 12.55 12.62
N THR A 82 3.46 13.48 12.50
CA THR A 82 3.94 14.20 13.67
C THR A 82 2.84 15.06 14.31
N VAL A 83 1.99 15.67 13.49
CA VAL A 83 0.87 16.44 14.05
C VAL A 83 -0.04 15.53 14.89
N LEU A 84 -0.42 14.38 14.33
CA LEU A 84 -1.32 13.47 15.03
C LEU A 84 -0.70 12.88 16.29
N GLU A 85 0.59 12.58 16.23
CA GLU A 85 1.28 11.99 17.39
C GLU A 85 1.50 13.03 18.48
N THR A 86 1.91 14.23 18.07
CA THR A 86 2.15 15.34 19.03
C THR A 86 0.89 15.69 19.80
N LEU A 87 -0.23 15.72 19.10
CA LEU A 87 -1.52 16.04 19.74
C LEU A 87 -2.20 14.80 20.31
N ASP A 88 -1.58 13.64 20.08
CA ASP A 88 -2.11 12.33 20.51
C ASP A 88 -3.59 12.18 20.17
N LEU A 89 -3.91 12.44 18.91
CA LEU A 89 -5.28 12.36 18.47
C LEU A 89 -5.68 10.91 18.17
N ARG A 90 -6.85 10.53 18.66
CA ARG A 90 -7.42 9.21 18.38
C ARG A 90 -8.82 9.37 17.81
N ASP A 91 -9.29 8.34 17.08
CA ASP A 91 -10.61 8.36 16.49
C ASP A 91 -10.78 9.59 15.58
N VAL A 92 -9.73 9.90 14.84
CA VAL A 92 -9.73 11.16 14.07
C VAL A 92 -10.43 11.00 12.74
N VAL A 93 -11.20 12.01 12.36
CA VAL A 93 -11.72 12.09 11.00
C VAL A 93 -10.73 12.93 10.20
N LEU A 94 -10.11 12.36 9.17
CA LEU A 94 -9.18 13.12 8.32
C LEU A 94 -9.93 13.58 7.09
N VAL A 95 -9.80 14.86 6.77
CA VAL A 95 -10.48 15.41 5.59
C VAL A 95 -9.44 16.17 4.79
N GLY A 96 -9.26 15.77 3.53
CA GLY A 96 -8.31 16.45 2.65
C GLY A 96 -9.05 17.12 1.51
N PHE A 97 -8.52 18.26 1.06
CA PHE A 97 -9.02 18.92 -0.13
C PHE A 97 -7.85 19.15 -1.08
N SER A 98 -8.00 18.75 -2.35
CA SER A 98 -6.98 19.04 -3.38
C SER A 98 -5.60 18.51 -2.92
N MET A 99 -4.52 19.27 -2.76
CA MET A 99 -3.30 18.64 -2.20
C MET A 99 -3.53 17.77 -0.95
N GLY A 100 -4.48 18.16 -0.09
CA GLY A 100 -4.68 17.48 1.18
C GLY A 100 -5.13 16.03 1.00
N THR A 101 -5.70 15.71 -0.17
CA THR A 101 -6.09 14.31 -0.40
C THR A 101 -4.88 13.41 -0.52
N GLY A 102 -3.73 13.97 -0.91
CA GLY A 102 -2.50 13.20 -0.96
C GLY A 102 -2.00 12.85 0.44
N GLU A 103 -2.06 13.80 1.39
CA GLU A 103 -1.66 13.46 2.76
C GLU A 103 -2.45 12.26 3.28
N LEU A 104 -3.77 12.25 3.05
CA LEU A 104 -4.61 11.19 3.63
C LEU A 104 -4.15 9.81 3.17
N ALA A 105 -3.98 9.64 1.86
CA ALA A 105 -3.67 8.31 1.34
C ALA A 105 -2.25 7.90 1.69
N ARG A 106 -1.32 8.84 1.56
CA ARG A 106 0.08 8.49 1.85
C ARG A 106 0.25 8.22 3.35
N TYR A 107 -0.48 8.96 4.19
CA TYR A 107 -0.41 8.71 5.63
C TYR A 107 -0.86 7.29 5.97
N VAL A 108 -2.00 6.87 5.41
CA VAL A 108 -2.50 5.52 5.74
C VAL A 108 -1.47 4.50 5.26
N ALA A 109 -0.95 4.72 4.04
CA ALA A 109 0.03 3.79 3.47
C ALA A 109 1.30 3.66 4.32
N ARG A 110 1.79 4.78 4.84
CA ARG A 110 3.07 4.76 5.53
C ARG A 110 2.98 4.49 7.01
N TYR A 111 1.86 4.84 7.62
CA TYR A 111 1.72 4.79 9.09
C TYR A 111 0.55 3.98 9.61
N GLY A 112 -0.31 3.52 8.71
CA GLY A 112 -1.48 2.75 9.10
C GLY A 112 -2.63 3.63 9.55
N HIS A 113 -3.63 3.03 10.17
CA HIS A 113 -4.86 3.77 10.45
C HIS A 113 -5.37 3.61 11.89
N GLU A 114 -4.48 3.24 12.81
CA GLU A 114 -4.85 3.06 14.22
C GLU A 114 -5.52 4.31 14.82
N ARG A 115 -5.08 5.50 14.39
CA ARG A 115 -5.63 6.73 14.95
C ARG A 115 -6.87 7.23 14.19
N VAL A 116 -7.18 6.60 13.06
CA VAL A 116 -8.17 7.14 12.12
C VAL A 116 -9.55 6.51 12.21
N ALA A 117 -10.57 7.35 12.41
CA ALA A 117 -11.96 6.89 12.38
C ALA A 117 -12.55 6.88 10.97
N LYS A 118 -12.31 7.97 10.21
CA LYS A 118 -12.94 8.11 8.88
C LYS A 118 -12.02 8.92 7.98
N LEU A 119 -12.20 8.79 6.67
CA LEU A 119 -11.42 9.51 5.67
C LEU A 119 -12.34 10.20 4.68
N ALA A 120 -12.15 11.52 4.45
CA ALA A 120 -12.94 12.18 3.43
C ALA A 120 -12.01 12.84 2.44
N PHE A 121 -12.20 12.51 1.17
CA PHE A 121 -11.34 12.99 0.08
C PHE A 121 -12.14 13.93 -0.80
N LEU A 122 -11.81 15.23 -0.74
CA LEU A 122 -12.57 16.23 -1.49
C LEU A 122 -11.71 16.79 -2.61
N ALA A 123 -12.21 16.76 -3.85
CA ALA A 123 -11.47 17.28 -5.02
C ALA A 123 -10.07 16.66 -5.10
N SER A 124 -10.07 15.32 -5.22
CA SER A 124 -8.89 14.48 -5.01
C SER A 124 -7.89 14.41 -6.17
N LEU A 125 -6.62 14.21 -5.81
CA LEU A 125 -5.53 13.93 -6.76
C LEU A 125 -5.56 12.49 -7.27
N GLU A 126 -6.05 11.58 -6.41
CA GLU A 126 -5.92 10.14 -6.66
C GLU A 126 -6.68 9.72 -7.91
N PRO A 127 -6.28 8.64 -8.55
CA PRO A 127 -5.16 7.77 -8.14
C PRO A 127 -3.76 8.09 -8.65
N PHE A 128 -3.65 8.74 -9.80
CA PHE A 128 -2.35 9.02 -10.42
C PHE A 128 -2.58 9.96 -11.57
N LEU A 129 -2.20 11.22 -11.37
CA LEU A 129 -2.71 12.29 -12.22
C LEU A 129 -2.03 12.42 -13.58
N VAL A 130 -0.76 12.04 -13.67
CA VAL A 130 0.01 12.28 -14.90
C VAL A 130 0.01 11.03 -15.80
N GLN A 131 -0.23 11.24 -17.08
CA GLN A 131 -0.22 10.15 -18.05
C GLN A 131 1.18 9.51 -18.16
N ARG A 132 1.20 8.17 -18.14
CA ARG A 132 2.43 7.38 -18.31
C ARG A 132 2.04 6.15 -19.14
N ASP A 133 3.03 5.39 -19.61
CA ASP A 133 2.72 4.15 -20.33
C ASP A 133 1.81 3.22 -19.52
N ASP A 134 2.03 3.18 -18.21
CA ASP A 134 1.23 2.31 -17.33
C ASP A 134 0.07 3.05 -16.67
N ASN A 135 -0.15 4.29 -17.10
CA ASN A 135 -1.22 5.12 -16.58
C ASN A 135 -1.88 5.93 -17.70
N PRO A 136 -2.53 5.24 -18.64
CA PRO A 136 -3.08 5.91 -19.81
C PRO A 136 -4.19 6.91 -19.49
N GLU A 137 -4.85 6.81 -18.33
CA GLU A 137 -5.96 7.71 -18.03
C GLU A 137 -5.52 9.08 -17.52
N GLY A 138 -4.23 9.24 -17.29
CA GLY A 138 -3.70 10.48 -16.72
C GLY A 138 -3.64 11.64 -17.72
N VAL A 139 -3.29 12.80 -17.19
CA VAL A 139 -3.17 14.04 -17.98
C VAL A 139 -1.73 14.15 -18.51
N PRO A 140 -1.52 14.54 -19.77
CA PRO A 140 -0.15 14.58 -20.31
C PRO A 140 0.82 15.46 -19.50
N GLN A 141 2.05 14.95 -19.35
CA GLN A 141 3.09 15.63 -18.57
C GLN A 141 3.27 17.09 -18.95
N GLU A 142 3.11 17.41 -20.23
CA GLU A 142 3.36 18.77 -20.70
C GLU A 142 2.50 19.81 -19.97
N VAL A 143 1.32 19.39 -19.51
CA VAL A 143 0.46 20.27 -18.72
C VAL A 143 1.21 20.72 -17.46
N PHE A 144 1.84 19.75 -16.79
CA PHE A 144 2.52 20.02 -15.51
C PHE A 144 3.83 20.75 -15.74
N ASP A 145 4.52 20.42 -16.83
CA ASP A 145 5.70 21.21 -17.20
C ASP A 145 5.34 22.69 -17.38
N GLY A 146 4.20 22.94 -18.03
CA GLY A 146 3.76 24.32 -18.28
C GLY A 146 3.37 25.03 -17.00
N ILE A 147 2.70 24.31 -16.10
CA ILE A 147 2.34 24.88 -14.79
C ILE A 147 3.61 25.22 -14.00
N GLU A 148 4.55 24.28 -13.95
CA GLU A 148 5.81 24.50 -13.24
C GLU A 148 6.51 25.73 -13.79
N ALA A 149 6.57 25.84 -15.12
CA ALA A 149 7.25 26.98 -15.75
C ALA A 149 6.58 28.32 -15.44
N ALA A 150 5.26 28.31 -15.42
CA ALA A 150 4.50 29.55 -15.15
C ALA A 150 4.70 29.98 -13.70
N ALA A 151 4.59 29.01 -12.79
CA ALA A 151 4.70 29.27 -11.34
C ALA A 151 6.11 29.71 -10.97
N LYS A 152 7.12 29.12 -11.62
CA LYS A 152 8.50 29.57 -11.41
C LYS A 152 8.74 30.91 -12.13
N GLY A 153 8.12 31.09 -13.28
CA GLY A 153 8.31 32.27 -14.11
C GLY A 153 7.91 33.58 -13.44
N ASP A 154 6.76 33.58 -12.78
CA ASP A 154 6.32 34.75 -12.01
C ASP A 154 5.15 34.23 -11.19
N ARG A 155 5.43 33.90 -9.93
CA ARG A 155 4.37 33.28 -9.13
C ARG A 155 3.21 34.23 -8.89
N PHE A 156 3.48 35.54 -8.89
CA PHE A 156 2.43 36.52 -8.60
C PHE A 156 1.39 36.53 -9.69
N ALA A 157 1.85 36.56 -10.93
CA ALA A 157 0.93 36.52 -12.07
C ALA A 157 0.31 35.14 -12.20
N TRP A 158 1.11 34.11 -11.94
CA TRP A 158 0.62 32.72 -12.00
C TRP A 158 -0.56 32.50 -11.05
N PHE A 159 -0.49 33.01 -9.82
CA PHE A 159 -1.61 32.72 -8.91
C PHE A 159 -2.92 33.31 -9.41
N THR A 160 -2.85 34.47 -10.07
CA THR A 160 -4.05 35.02 -10.70
C THR A 160 -4.64 34.07 -11.73
N ASP A 161 -3.80 33.56 -12.63
CA ASP A 161 -4.24 32.61 -13.64
C ASP A 161 -4.79 31.34 -13.02
N PHE A 162 -4.09 30.84 -12.00
CA PHE A 162 -4.52 29.60 -11.32
C PHE A 162 -5.93 29.77 -10.74
N TYR A 163 -6.17 30.88 -10.05
CA TYR A 163 -7.46 31.04 -9.38
C TYR A 163 -8.62 31.21 -10.36
N LYS A 164 -8.35 31.75 -11.56
CA LYS A 164 -9.39 31.80 -12.58
C LYS A 164 -9.90 30.41 -12.88
N ASN A 165 -8.98 29.45 -13.06
CA ASN A 165 -9.39 28.08 -13.36
C ASN A 165 -9.83 27.33 -12.11
N PHE A 166 -9.28 27.72 -10.94
CA PHE A 166 -9.63 27.06 -9.68
C PHE A 166 -11.09 27.26 -9.36
N TYR A 167 -11.57 28.50 -9.54
CA TYR A 167 -12.93 28.83 -9.17
C TYR A 167 -13.92 28.85 -10.34
N ASN A 168 -13.44 28.59 -11.57
CA ASN A 168 -14.21 28.87 -12.81
C ASN A 168 -14.77 30.29 -12.80
N LEU A 169 -13.88 31.28 -12.73
CA LEU A 169 -14.35 32.64 -12.52
C LEU A 169 -15.23 33.20 -13.63
N ASP A 170 -15.02 32.74 -14.87
CA ASP A 170 -15.91 33.21 -15.96
C ASP A 170 -17.37 32.94 -15.62
N GLU A 171 -17.63 31.79 -14.99
CA GLU A 171 -18.98 31.40 -14.59
C GLU A 171 -19.35 31.94 -13.21
N ASN A 172 -18.39 31.93 -12.28
CA ASN A 172 -18.75 32.07 -10.87
C ASN A 172 -18.45 33.41 -10.20
N LEU A 173 -17.61 34.24 -10.81
CA LEU A 173 -17.30 35.55 -10.22
C LEU A 173 -18.58 36.37 -10.15
N GLY A 174 -18.88 36.91 -8.97
CA GLY A 174 -20.10 37.68 -8.75
C GLY A 174 -21.36 36.88 -8.44
N SER A 175 -21.33 35.55 -8.57
CA SER A 175 -22.48 34.69 -8.26
C SER A 175 -22.18 33.68 -7.16
N ARG A 176 -21.04 33.01 -7.26
CA ARG A 176 -20.66 32.08 -6.19
C ARG A 176 -19.34 32.45 -5.50
N ILE A 177 -18.64 33.45 -6.02
CA ILE A 177 -17.48 34.01 -5.26
C ILE A 177 -17.31 35.48 -5.60
N SER A 178 -17.05 36.30 -4.59
CA SER A 178 -16.89 37.74 -4.82
C SER A 178 -15.47 38.06 -5.27
N GLU A 179 -15.30 39.22 -5.91
CA GLU A 179 -13.96 39.68 -6.26
C GLU A 179 -13.08 39.76 -5.01
N GLN A 180 -13.68 40.18 -3.89
CA GLN A 180 -12.90 40.35 -2.67
C GLN A 180 -12.42 39.02 -2.11
N ALA A 181 -13.26 37.99 -2.19
CA ALA A 181 -12.83 36.66 -1.76
C ALA A 181 -11.72 36.11 -2.66
N VAL A 182 -11.77 36.41 -3.96
CA VAL A 182 -10.68 35.99 -4.85
C VAL A 182 -9.38 36.70 -4.44
N THR A 183 -9.49 37.99 -4.15
CA THR A 183 -8.34 38.75 -3.69
C THR A 183 -7.76 38.15 -2.39
N GLY A 184 -8.65 37.73 -1.49
CA GLY A 184 -8.18 37.09 -0.27
C GLY A 184 -7.41 35.79 -0.56
N SER A 185 -7.89 35.01 -1.54
CA SER A 185 -7.16 33.80 -1.95
C SER A 185 -5.76 34.15 -2.49
N TRP A 186 -5.67 35.25 -3.23
CA TRP A 186 -4.39 35.63 -3.85
C TRP A 186 -3.45 36.17 -2.76
N ASN A 187 -3.97 36.97 -1.83
CA ASN A 187 -3.10 37.46 -0.75
C ASN A 187 -2.49 36.32 0.06
N VAL A 188 -3.28 35.29 0.35
CA VAL A 188 -2.75 34.11 1.06
C VAL A 188 -1.71 33.39 0.19
N ALA A 189 -2.04 33.23 -1.09
CA ALA A 189 -1.14 32.50 -2.00
C ALA A 189 0.26 33.14 -2.02
N ILE A 190 0.33 34.47 -2.14
CA ILE A 190 1.67 35.07 -2.31
C ILE A 190 2.50 35.05 -1.04
N GLY A 191 1.87 34.71 0.09
CA GLY A 191 2.61 34.55 1.33
C GLY A 191 3.35 33.22 1.43
N SER A 192 3.03 32.30 0.52
CA SER A 192 3.74 31.00 0.53
C SER A 192 5.22 31.17 0.14
N ALA A 193 6.04 30.17 0.45
CA ALA A 193 7.47 30.24 0.11
C ALA A 193 7.56 30.38 -1.42
N PRO A 194 8.39 31.29 -1.92
CA PRO A 194 8.52 31.39 -3.39
C PRO A 194 8.71 30.03 -4.07
N VAL A 195 9.59 29.18 -3.54
CA VAL A 195 9.89 27.91 -4.20
C VAL A 195 8.66 26.99 -4.18
N ALA A 196 7.80 27.13 -3.16
CA ALA A 196 6.63 26.25 -3.04
C ALA A 196 5.62 26.45 -4.18
N ALA A 197 5.68 27.60 -4.87
CA ALA A 197 4.74 27.84 -5.98
C ALA A 197 4.89 26.74 -7.04
N TYR A 198 6.13 26.28 -7.27
CA TYR A 198 6.36 25.25 -8.29
C TYR A 198 6.87 23.93 -7.74
N ALA A 199 7.47 23.94 -6.55
CA ALA A 199 8.09 22.69 -6.02
C ALA A 199 7.05 21.63 -5.73
N VAL A 200 5.80 22.04 -5.49
CA VAL A 200 4.77 21.05 -5.17
C VAL A 200 4.25 20.33 -6.40
N VAL A 201 4.55 20.81 -7.61
CA VAL A 201 3.90 20.23 -8.80
C VAL A 201 4.29 18.75 -9.00
N PRO A 202 5.56 18.39 -8.89
CA PRO A 202 5.93 16.96 -8.93
C PRO A 202 5.22 16.13 -7.85
N ALA A 203 4.94 16.72 -6.69
CA ALA A 203 4.24 16.00 -5.64
C ALA A 203 2.79 15.69 -6.07
N TRP A 204 2.13 16.65 -6.71
CA TRP A 204 0.74 16.46 -7.15
C TRP A 204 0.63 15.22 -8.03
N ILE A 205 1.66 14.98 -8.84
CA ILE A 205 1.61 13.92 -9.85
C ILE A 205 2.30 12.64 -9.41
N GLU A 206 2.51 12.49 -8.12
CA GLU A 206 3.03 11.19 -7.61
C GLU A 206 2.01 10.09 -7.87
N ASP A 207 2.51 8.87 -7.96
CA ASP A 207 1.60 7.72 -8.10
C ASP A 207 1.00 7.35 -6.75
N PHE A 208 -0.32 7.48 -6.61
CA PHE A 208 -0.99 7.15 -5.36
C PHE A 208 -1.69 5.81 -5.43
N ARG A 209 -1.47 5.05 -6.51
CA ARG A 209 -2.30 3.84 -6.68
C ARG A 209 -2.04 2.82 -5.57
N SER A 210 -0.77 2.67 -5.16
CA SER A 210 -0.51 1.79 -4.02
C SER A 210 -1.10 2.32 -2.73
N ASP A 211 -1.10 3.65 -2.57
CA ASP A 211 -1.72 4.21 -1.38
C ASP A 211 -3.22 4.01 -1.37
N VAL A 212 -3.84 4.06 -2.55
CA VAL A 212 -5.27 3.80 -2.64
C VAL A 212 -5.59 2.36 -2.17
N GLU A 213 -4.69 1.42 -2.50
CA GLU A 213 -4.86 0.04 -1.96
C GLU A 213 -4.84 0.00 -0.45
N ALA A 214 -3.94 0.75 0.17
CA ALA A 214 -3.89 0.83 1.64
C ALA A 214 -5.16 1.41 2.19
N VAL A 215 -5.64 2.48 1.57
CA VAL A 215 -6.90 3.13 2.02
C VAL A 215 -8.07 2.15 1.95
N ARG A 216 -8.20 1.47 0.82
CA ARG A 216 -9.33 0.56 0.65
C ARG A 216 -9.25 -0.58 1.69
N ALA A 217 -8.04 -1.10 1.89
CA ALA A 217 -7.83 -2.23 2.78
C ALA A 217 -8.01 -1.86 4.27
N ALA A 218 -7.92 -0.58 4.60
CA ALA A 218 -8.17 -0.13 5.97
C ALA A 218 -9.62 -0.36 6.43
N GLY A 219 -10.57 -0.34 5.49
CA GLY A 219 -11.97 -0.65 5.76
C GLY A 219 -12.64 0.36 6.69
N LYS A 220 -12.16 1.60 6.66
CA LYS A 220 -12.75 2.67 7.48
C LYS A 220 -13.74 3.42 6.59
N PRO A 221 -14.78 4.02 7.17
CA PRO A 221 -15.73 4.80 6.39
C PRO A 221 -14.97 5.85 5.59
N THR A 222 -15.27 5.92 4.31
CA THR A 222 -14.55 6.77 3.36
C THR A 222 -15.55 7.52 2.50
N LEU A 223 -15.27 8.79 2.23
CA LEU A 223 -16.08 9.60 1.35
C LEU A 223 -15.18 10.15 0.23
N ILE A 224 -15.69 10.11 -1.01
CA ILE A 224 -14.98 10.74 -2.13
C ILE A 224 -15.96 11.73 -2.76
N LEU A 225 -15.56 12.99 -2.91
CA LEU A 225 -16.49 14.02 -3.41
C LEU A 225 -15.75 14.88 -4.43
N HIS A 226 -16.41 15.26 -5.52
CA HIS A 226 -15.73 16.03 -6.58
C HIS A 226 -16.75 16.85 -7.34
N GLY A 227 -16.31 17.98 -7.89
CA GLY A 227 -17.19 18.80 -8.73
C GLY A 227 -17.14 18.32 -10.17
N THR A 228 -18.30 18.39 -10.85
CA THR A 228 -18.31 17.96 -12.26
C THR A 228 -17.72 18.96 -13.25
N LYS A 229 -17.44 20.20 -12.81
CA LYS A 229 -16.82 21.19 -13.67
C LYS A 229 -15.45 21.57 -13.11
N ASP A 230 -14.77 20.57 -12.55
CA ASP A 230 -13.42 20.79 -12.03
C ASP A 230 -12.43 20.90 -13.19
N ASN A 231 -11.89 22.10 -13.37
CA ASN A 231 -10.91 22.37 -14.43
C ASN A 231 -9.46 22.38 -13.96
N ILE A 232 -9.25 21.94 -12.73
CA ILE A 232 -7.89 21.74 -12.20
C ILE A 232 -7.58 20.24 -12.18
N LEU A 233 -8.45 19.48 -11.50
CA LEU A 233 -8.34 18.03 -11.43
C LEU A 233 -9.54 17.43 -12.15
N PRO A 234 -9.39 17.08 -13.42
CA PRO A 234 -10.55 16.65 -14.20
C PRO A 234 -11.20 15.43 -13.55
N ILE A 235 -12.51 15.44 -13.46
CA ILE A 235 -13.22 14.40 -12.71
C ILE A 235 -12.98 12.98 -13.28
N ASP A 236 -12.82 12.90 -14.60
CA ASP A 236 -12.57 11.57 -15.21
C ASP A 236 -11.15 11.08 -14.97
N ALA A 237 -10.22 11.99 -14.74
CA ALA A 237 -8.84 11.58 -14.48
C ALA A 237 -8.59 11.32 -12.99
N THR A 238 -9.55 11.65 -12.13
CA THR A 238 -9.35 11.54 -10.68
C THR A 238 -10.51 10.81 -10.01
N ALA A 239 -11.53 11.56 -9.58
CA ALA A 239 -12.57 11.01 -8.70
C ALA A 239 -13.26 9.78 -9.30
N ARG A 240 -13.54 9.80 -10.60
CA ARG A 240 -14.29 8.65 -11.16
C ARG A 240 -13.42 7.37 -11.12
N ARG A 241 -12.12 7.54 -11.27
CA ARG A 241 -11.19 6.41 -11.16
C ARG A 241 -11.05 5.96 -9.72
N PHE A 242 -10.96 6.95 -8.81
CA PHE A 242 -10.85 6.69 -7.38
C PHE A 242 -12.09 5.88 -6.91
N HIS A 243 -13.27 6.30 -7.39
CA HIS A 243 -14.55 5.65 -7.07
C HIS A 243 -14.55 4.21 -7.58
N GLN A 244 -14.01 4.01 -8.78
CA GLN A 244 -13.94 2.64 -9.33
C GLN A 244 -13.00 1.77 -8.49
N ALA A 245 -11.89 2.36 -8.03
CA ALA A 245 -10.91 1.63 -7.23
C ALA A 245 -11.36 1.35 -5.81
N VAL A 246 -12.23 2.19 -5.26
CA VAL A 246 -12.70 2.06 -3.87
C VAL A 246 -14.22 2.12 -3.88
N PRO A 247 -14.83 1.07 -4.41
CA PRO A 247 -16.28 1.12 -4.63
C PRO A 247 -17.09 1.20 -3.35
N GLU A 248 -16.48 0.85 -2.22
CA GLU A 248 -17.13 0.88 -0.90
C GLU A 248 -17.29 2.30 -0.36
N ALA A 249 -16.50 3.25 -0.87
CA ALA A 249 -16.58 4.62 -0.38
C ALA A 249 -17.89 5.26 -0.78
N ASP A 250 -18.43 6.10 0.10
CA ASP A 250 -19.51 6.99 -0.29
C ASP A 250 -19.00 7.91 -1.39
N TYR A 251 -19.84 8.18 -2.38
CA TYR A 251 -19.36 8.91 -3.55
C TYR A 251 -20.33 10.02 -3.93
N VAL A 252 -19.81 11.24 -4.02
CA VAL A 252 -20.65 12.40 -4.33
C VAL A 252 -20.07 13.22 -5.46
N GLU A 253 -20.85 13.41 -6.52
CA GLU A 253 -20.49 14.36 -7.58
C GLU A 253 -21.34 15.60 -7.41
N VAL A 254 -20.66 16.75 -7.24
CA VAL A 254 -21.39 18.03 -7.06
C VAL A 254 -21.57 18.66 -8.41
N GLU A 255 -22.82 18.65 -8.89
CA GLU A 255 -23.11 19.11 -10.24
C GLU A 255 -22.77 20.57 -10.43
N GLY A 256 -21.94 20.85 -11.43
CA GLY A 256 -21.62 22.22 -11.83
C GLY A 256 -20.50 22.86 -11.03
N ALA A 257 -19.93 22.11 -10.07
CA ALA A 257 -18.94 22.73 -9.15
C ALA A 257 -17.53 22.71 -9.73
N PRO A 258 -16.76 23.77 -9.43
CA PRO A 258 -15.38 23.88 -9.87
C PRO A 258 -14.44 23.15 -8.90
N HIS A 259 -13.14 23.37 -9.06
CA HIS A 259 -12.20 22.82 -8.10
C HIS A 259 -12.34 23.48 -6.72
N GLY A 260 -12.56 24.80 -6.71
CA GLY A 260 -12.61 25.58 -5.47
C GLY A 260 -13.96 25.51 -4.77
N LEU A 261 -14.48 24.30 -4.64
CA LEU A 261 -15.86 24.15 -4.21
C LEU A 261 -16.09 24.23 -2.71
N LEU A 262 -15.03 24.27 -1.90
CA LEU A 262 -15.25 24.52 -0.46
C LEU A 262 -15.92 25.86 -0.30
N TRP A 263 -15.60 26.80 -1.19
CA TRP A 263 -16.22 28.12 -1.11
C TRP A 263 -17.48 28.19 -1.99
N THR A 264 -17.33 27.88 -3.28
CA THR A 264 -18.44 28.14 -4.21
C THR A 264 -19.65 27.26 -3.94
N HIS A 265 -19.41 26.03 -3.44
CA HIS A 265 -20.48 25.08 -3.20
C HIS A 265 -20.39 24.59 -1.77
N ALA A 266 -20.16 25.54 -0.86
CA ALA A 266 -20.01 25.20 0.56
C ALA A 266 -21.22 24.43 1.08
N ASP A 267 -22.44 24.83 0.67
CA ASP A 267 -23.64 24.15 1.15
C ASP A 267 -23.62 22.65 0.81
N GLU A 268 -23.26 22.33 -0.43
CA GLU A 268 -23.24 20.93 -0.86
C GLU A 268 -22.13 20.14 -0.17
N VAL A 269 -20.96 20.78 -0.06
CA VAL A 269 -19.86 20.13 0.68
C VAL A 269 -20.26 19.89 2.14
N ASN A 270 -20.86 20.89 2.77
CA ASN A 270 -21.25 20.79 4.18
C ASN A 270 -22.29 19.70 4.40
N ALA A 271 -23.25 19.61 3.48
CA ALA A 271 -24.33 18.60 3.59
C ALA A 271 -23.72 17.20 3.50
N ALA A 272 -22.80 17.02 2.55
CA ALA A 272 -22.11 15.73 2.42
C ALA A 272 -21.29 15.38 3.66
N LEU A 273 -20.53 16.34 4.17
CA LEU A 273 -19.74 16.09 5.37
C LEU A 273 -20.63 15.81 6.58
N LYS A 274 -21.75 16.52 6.70
CA LYS A 274 -22.62 16.34 7.86
C LYS A 274 -23.16 14.90 7.89
N THR A 275 -23.67 14.46 6.74
CA THR A 275 -24.19 13.10 6.59
C THR A 275 -23.12 12.05 6.90
N PHE A 276 -21.94 12.26 6.32
CA PHE A 276 -20.83 11.32 6.47
C PHE A 276 -20.33 11.22 7.91
N LEU A 277 -20.18 12.36 8.59
CA LEU A 277 -19.65 12.37 9.94
C LEU A 277 -20.66 11.77 10.93
N ALA A 278 -21.94 11.86 10.58
CA ALA A 278 -23.02 11.38 11.46
C ALA A 278 -23.09 9.86 11.46
N LYS A 279 -22.52 9.23 10.43
CA LYS A 279 -22.51 7.77 10.34
C LYS A 279 -21.66 7.14 11.43
N GLY B 1 6.04 -38.58 3.02
CA GLY B 1 6.07 -39.07 1.62
C GLY B 1 7.18 -38.39 0.83
N TYR B 2 7.53 -38.97 -0.33
CA TYR B 2 8.48 -38.33 -1.25
C TYR B 2 7.98 -38.38 -2.68
N ILE B 3 8.23 -37.30 -3.42
CA ILE B 3 7.98 -37.29 -4.86
C ILE B 3 9.28 -36.99 -5.59
N THR B 4 9.62 -37.81 -6.58
CA THR B 4 10.84 -37.57 -7.34
C THR B 4 10.59 -36.52 -8.42
N VAL B 5 11.45 -35.51 -8.49
CA VAL B 5 11.25 -34.40 -9.44
C VAL B 5 12.42 -34.21 -10.40
N GLY B 6 13.44 -35.04 -10.27
CA GLY B 6 14.60 -34.90 -11.15
C GLY B 6 15.77 -35.67 -10.60
N ASN B 7 16.96 -35.34 -11.09
CA ASN B 7 18.17 -35.98 -10.58
C ASN B 7 19.27 -34.96 -10.43
N GLU B 8 20.10 -35.17 -9.41
CA GLU B 8 21.35 -34.43 -9.26
C GLU B 8 22.43 -35.50 -9.30
N ASN B 9 23.14 -35.53 -10.42
CA ASN B 9 24.12 -36.59 -10.64
C ASN B 9 23.52 -37.95 -10.36
N SER B 10 24.15 -38.77 -9.50
CA SER B 10 23.66 -40.12 -9.23
C SER B 10 22.43 -40.20 -8.30
N THR B 11 21.98 -39.05 -7.81
CA THR B 11 20.92 -39.05 -6.78
C THR B 11 19.60 -38.52 -7.33
N PRO B 12 18.50 -39.17 -6.96
CA PRO B 12 17.18 -38.58 -7.30
C PRO B 12 16.94 -37.33 -6.46
N ILE B 13 16.29 -36.35 -7.06
CA ILE B 13 15.86 -35.17 -6.28
C ILE B 13 14.46 -35.51 -5.81
N GLU B 14 14.33 -35.62 -4.49
CA GLU B 14 13.08 -36.07 -3.87
C GLU B 14 12.54 -34.97 -2.97
N LEU B 15 11.25 -34.64 -3.15
CA LEU B 15 10.63 -33.65 -2.30
C LEU B 15 9.80 -34.35 -1.24
N TYR B 16 10.06 -33.99 0.02
CA TYR B 16 9.26 -34.51 1.11
C TYR B 16 7.86 -33.86 1.07
N TYR B 17 6.81 -34.63 1.29
CA TYR B 17 5.47 -34.06 1.36
C TYR B 17 4.56 -34.81 2.30
N GLU B 18 3.48 -34.14 2.70
CA GLU B 18 2.43 -34.71 3.52
C GLU B 18 1.11 -34.54 2.81
N ASP B 19 0.19 -35.49 3.00
CA ASP B 19 -1.04 -35.51 2.21
C ASP B 19 -2.11 -35.97 3.18
N GLN B 20 -2.96 -35.06 3.66
CA GLN B 20 -3.82 -35.37 4.80
C GLN B 20 -5.25 -34.96 4.56
N GLY B 21 -6.18 -35.63 5.23
CA GLY B 21 -7.58 -35.21 5.12
C GLY B 21 -8.26 -35.71 3.85
N SER B 22 -9.47 -35.19 3.59
CA SER B 22 -10.22 -35.56 2.40
C SER B 22 -10.97 -34.33 1.93
N GLY B 23 -11.22 -34.29 0.64
CA GLY B 23 -11.96 -33.17 0.05
C GLY B 23 -11.17 -32.51 -1.06
N GLN B 24 -11.55 -31.29 -1.40
CA GLN B 24 -10.84 -30.55 -2.44
C GLN B 24 -9.36 -30.40 -2.01
N PRO B 25 -8.42 -30.65 -2.92
CA PRO B 25 -6.99 -30.53 -2.55
C PRO B 25 -6.55 -29.07 -2.42
N VAL B 26 -5.83 -28.79 -1.33
CA VAL B 26 -5.23 -27.48 -1.06
C VAL B 26 -3.75 -27.76 -0.88
N VAL B 27 -2.90 -27.12 -1.69
CA VAL B 27 -1.46 -27.36 -1.59
C VAL B 27 -0.85 -26.10 -0.99
N LEU B 28 -0.16 -26.25 0.14
CA LEU B 28 0.43 -25.08 0.82
C LEU B 28 1.93 -25.10 0.59
N ILE B 29 2.51 -23.95 0.19
CA ILE B 29 3.91 -23.90 -0.24
C ILE B 29 4.66 -22.88 0.64
N HIS B 30 5.53 -23.41 1.49
CA HIS B 30 6.13 -22.64 2.58
C HIS B 30 7.15 -21.59 2.14
N GLY B 31 7.50 -20.75 3.11
CA GLY B 31 8.51 -19.71 2.88
C GLY B 31 9.92 -20.15 3.31
N TYR B 32 10.90 -19.38 2.89
CA TYR B 32 12.28 -19.58 3.34
C TYR B 32 12.40 -19.15 4.81
N PRO B 33 13.21 -19.81 5.63
CA PRO B 33 13.94 -21.06 5.34
C PRO B 33 13.30 -22.23 6.11
N LEU B 34 11.96 -22.25 6.07
CA LEU B 34 11.16 -23.16 6.89
C LEU B 34 10.84 -24.46 6.15
N ASP B 35 9.77 -25.13 6.56
CA ASP B 35 9.31 -26.34 5.87
C ASP B 35 7.81 -26.42 5.96
N GLY B 36 7.22 -27.54 5.51
CA GLY B 36 5.76 -27.63 5.48
C GLY B 36 5.08 -27.51 6.82
N HIS B 37 5.77 -27.89 7.90
CA HIS B 37 5.18 -27.76 9.23
C HIS B 37 4.97 -26.33 9.68
N SER B 38 5.61 -25.37 9.01
CA SER B 38 5.43 -23.95 9.39
C SER B 38 3.99 -23.52 9.15
N TRP B 39 3.25 -24.32 8.38
CA TRP B 39 1.83 -24.05 8.13
C TRP B 39 0.90 -24.59 9.23
N GLU B 40 1.45 -25.15 10.29
CA GLU B 40 0.63 -25.92 11.23
C GLU B 40 -0.64 -25.23 11.73
N ARG B 41 -0.57 -23.93 12.02
CA ARG B 41 -1.76 -23.24 12.55
C ARG B 41 -2.83 -23.05 11.47
N GLN B 42 -2.44 -23.11 10.20
CA GLN B 42 -3.39 -23.09 9.09
C GLN B 42 -3.87 -24.49 8.71
N THR B 43 -2.93 -25.42 8.61
CA THR B 43 -3.26 -26.79 8.23
C THR B 43 -4.40 -27.37 9.07
N ARG B 44 -4.32 -27.21 10.39
CA ARG B 44 -5.32 -27.84 11.25
C ARG B 44 -6.72 -27.27 11.00
N GLU B 45 -6.81 -25.98 10.67
CA GLU B 45 -8.10 -25.36 10.38
C GLU B 45 -8.64 -25.80 9.02
N LEU B 46 -7.77 -25.87 8.01
CA LEU B 46 -8.24 -26.27 6.68
C LEU B 46 -8.71 -27.73 6.70
N LEU B 47 -8.02 -28.59 7.43
CA LEU B 47 -8.46 -29.98 7.59
C LEU B 47 -9.84 -30.01 8.23
N ALA B 48 -10.03 -29.18 9.26
CA ALA B 48 -11.32 -29.13 9.98
C ALA B 48 -12.47 -28.65 9.08
N GLN B 49 -12.13 -27.81 8.11
CA GLN B 49 -13.08 -27.32 7.12
C GLN B 49 -13.40 -28.32 6.01
N GLY B 50 -12.75 -29.48 6.04
CA GLY B 50 -13.08 -30.52 5.07
C GLY B 50 -12.30 -30.44 3.77
N TYR B 51 -11.06 -29.97 3.85
CA TYR B 51 -10.14 -29.97 2.71
C TYR B 51 -9.10 -31.07 2.88
N ARG B 52 -8.56 -31.52 1.74
CA ARG B 52 -7.41 -32.39 1.75
C ARG B 52 -6.21 -31.46 1.68
N VAL B 53 -5.37 -31.47 2.71
CA VAL B 53 -4.28 -30.49 2.79
C VAL B 53 -2.96 -31.18 2.51
N ILE B 54 -2.27 -30.71 1.49
CA ILE B 54 -0.97 -31.24 1.10
C ILE B 54 0.06 -30.15 1.32
N THR B 55 1.19 -30.50 1.94
CA THR B 55 2.33 -29.57 1.96
C THR B 55 3.52 -30.31 1.40
N TYR B 56 4.46 -29.57 0.83
CA TYR B 56 5.72 -30.20 0.47
C TYR B 56 6.85 -29.25 0.83
N ASP B 57 8.04 -29.81 0.93
CA ASP B 57 9.21 -29.02 1.27
C ASP B 57 9.96 -28.69 -0.02
N ARG B 58 10.26 -27.41 -0.20
CA ARG B 58 10.99 -26.96 -1.37
C ARG B 58 12.36 -27.63 -1.45
N ARG B 59 12.86 -27.85 -2.66
CA ARG B 59 14.20 -28.44 -2.76
C ARG B 59 15.19 -27.64 -1.93
N GLY B 60 16.06 -28.34 -1.19
CA GLY B 60 17.02 -27.68 -0.32
C GLY B 60 16.55 -27.44 1.11
N PHE B 61 15.25 -27.61 1.36
CA PHE B 61 14.67 -27.29 2.67
C PHE B 61 14.00 -28.47 3.32
N GLY B 62 13.86 -28.41 4.64
CA GLY B 62 13.12 -29.45 5.37
C GLY B 62 13.63 -30.85 5.06
N GLY B 63 12.71 -31.73 4.65
CA GLY B 63 13.06 -33.12 4.40
C GLY B 63 13.41 -33.41 2.95
N SER B 64 13.51 -32.37 2.13
CA SER B 64 13.75 -32.58 0.69
C SER B 64 15.22 -32.64 0.32
N SER B 65 15.54 -33.15 -0.88
CA SER B 65 16.93 -33.29 -1.29
C SER B 65 17.72 -31.98 -1.13
N LYS B 66 18.94 -32.12 -0.61
CA LYS B 66 19.77 -30.94 -0.31
C LYS B 66 20.69 -30.68 -1.50
N VAL B 67 20.07 -30.22 -2.60
CA VAL B 67 20.78 -30.11 -3.88
C VAL B 67 21.62 -28.85 -3.98
N ASN B 68 22.46 -28.81 -5.01
CA ASN B 68 23.30 -27.63 -5.25
C ASN B 68 22.73 -26.71 -6.32
N THR B 69 21.85 -27.25 -7.15
CA THR B 69 21.39 -26.50 -8.32
C THR B 69 19.88 -26.40 -8.41
N GLY B 70 19.43 -25.48 -9.27
CA GLY B 70 17.99 -25.31 -9.50
C GLY B 70 17.30 -24.37 -8.53
N TYR B 71 18.06 -23.49 -7.88
CA TYR B 71 17.44 -22.52 -6.99
C TYR B 71 16.99 -21.30 -7.78
N ASP B 72 15.97 -21.51 -8.60
CA ASP B 72 15.42 -20.47 -9.46
C ASP B 72 13.95 -20.81 -9.68
N TYR B 73 13.11 -19.81 -10.00
CA TYR B 73 11.67 -20.09 -10.03
C TYR B 73 11.22 -20.96 -11.22
N ASP B 74 11.97 -20.96 -12.33
CA ASP B 74 11.63 -21.93 -13.37
C ASP B 74 11.71 -23.35 -12.81
N THR B 75 12.77 -23.64 -12.07
CA THR B 75 12.89 -24.98 -11.46
C THR B 75 11.91 -25.22 -10.34
N PHE B 76 11.72 -24.22 -9.46
CA PHE B 76 10.76 -24.41 -8.36
C PHE B 76 9.36 -24.68 -8.92
N ALA B 77 9.02 -24.01 -10.04
CA ALA B 77 7.72 -24.24 -10.67
C ALA B 77 7.65 -25.62 -11.33
N ALA B 78 8.73 -26.05 -11.94
CA ALA B 78 8.81 -27.41 -12.50
C ALA B 78 8.61 -28.45 -11.39
N ASP B 79 9.21 -28.19 -10.23
CA ASP B 79 9.04 -29.09 -9.10
C ASP B 79 7.57 -29.17 -8.68
N LEU B 80 6.91 -28.01 -8.57
CA LEU B 80 5.49 -27.99 -8.21
C LEU B 80 4.69 -28.72 -9.28
N HIS B 81 5.01 -28.48 -10.54
CA HIS B 81 4.33 -29.16 -11.63
C HIS B 81 4.40 -30.68 -11.46
N THR B 82 5.60 -31.19 -11.20
CA THR B 82 5.73 -32.64 -10.99
C THR B 82 4.95 -33.15 -9.78
N VAL B 83 4.94 -32.37 -8.70
CA VAL B 83 4.09 -32.73 -7.56
C VAL B 83 2.62 -32.88 -7.97
N LEU B 84 2.09 -31.88 -8.67
CA LEU B 84 0.68 -31.93 -9.05
C LEU B 84 0.41 -33.05 -10.05
N GLU B 85 1.33 -33.28 -10.97
CA GLU B 85 1.14 -34.33 -11.98
C GLU B 85 1.23 -35.71 -11.36
N THR B 86 2.20 -35.88 -10.46
CA THR B 86 2.39 -37.20 -9.80
C THR B 86 1.18 -37.59 -8.96
N LEU B 87 0.61 -36.63 -8.25
CA LEU B 87 -0.55 -36.87 -7.42
C LEU B 87 -1.85 -36.75 -8.21
N ASP B 88 -1.73 -36.30 -9.47
CA ASP B 88 -2.84 -36.05 -10.38
C ASP B 88 -3.93 -35.23 -9.73
N LEU B 89 -3.53 -34.10 -9.18
CA LEU B 89 -4.47 -33.26 -8.47
C LEU B 89 -5.21 -32.39 -9.46
N ARG B 90 -6.53 -32.30 -9.24
CA ARG B 90 -7.37 -31.43 -10.04
C ARG B 90 -8.13 -30.48 -9.14
N ASP B 91 -8.57 -29.36 -9.73
CA ASP B 91 -9.39 -28.40 -8.99
C ASP B 91 -8.64 -27.99 -7.71
N VAL B 92 -7.34 -27.71 -7.86
CA VAL B 92 -6.48 -27.50 -6.71
C VAL B 92 -6.49 -26.04 -6.24
N VAL B 93 -6.52 -25.85 -4.92
CA VAL B 93 -6.30 -24.52 -4.35
C VAL B 93 -4.81 -24.44 -4.03
N LEU B 94 -4.08 -23.54 -4.71
CA LEU B 94 -2.65 -23.34 -4.41
C LEU B 94 -2.53 -22.17 -3.44
N VAL B 95 -1.76 -22.36 -2.39
CA VAL B 95 -1.54 -21.29 -1.38
C VAL B 95 -0.04 -21.15 -1.21
N GLY B 96 0.49 -19.93 -1.43
CA GLY B 96 1.93 -19.72 -1.25
C GLY B 96 2.14 -18.71 -0.14
N PHE B 97 3.23 -18.87 0.61
CA PHE B 97 3.64 -17.87 1.58
C PHE B 97 5.09 -17.50 1.28
N SER B 98 5.38 -16.20 1.22
CA SER B 98 6.76 -15.69 1.06
C SER B 98 7.41 -16.37 -0.16
N MET B 99 8.49 -17.12 -0.09
CA MET B 99 8.97 -17.77 -1.32
C MET B 99 7.89 -18.52 -2.11
N GLY B 100 6.93 -19.12 -1.40
CA GLY B 100 5.90 -19.94 -2.04
C GLY B 100 5.02 -19.15 -3.00
N THR B 101 4.92 -17.82 -2.81
CA THR B 101 4.15 -17.05 -3.78
C THR B 101 4.78 -17.00 -5.15
N GLY B 102 6.10 -17.19 -5.23
CA GLY B 102 6.78 -17.25 -6.51
C GLY B 102 6.41 -18.53 -7.29
N GLU B 103 6.33 -19.67 -6.59
CA GLU B 103 5.87 -20.89 -7.28
C GLU B 103 4.54 -20.67 -7.97
N LEU B 104 3.59 -20.05 -7.26
CA LEU B 104 2.23 -19.93 -7.80
C LEU B 104 2.24 -19.18 -9.13
N ALA B 105 2.88 -18.01 -9.17
CA ALA B 105 2.81 -17.20 -10.39
C ALA B 105 3.59 -17.83 -11.54
N ARG B 106 4.81 -18.33 -11.24
CA ARG B 106 5.62 -18.93 -12.28
C ARG B 106 4.96 -20.20 -12.80
N TYR B 107 4.30 -20.93 -11.89
CA TYR B 107 3.61 -22.16 -12.31
C TYR B 107 2.46 -21.84 -13.29
N VAL B 108 1.62 -20.87 -12.95
CA VAL B 108 0.50 -20.53 -13.83
C VAL B 108 1.05 -20.11 -15.21
N ALA B 109 2.13 -19.35 -15.24
CA ALA B 109 2.69 -18.90 -16.51
C ALA B 109 3.31 -20.03 -17.33
N ARG B 110 4.16 -20.82 -16.67
CA ARG B 110 4.96 -21.82 -17.39
C ARG B 110 4.20 -23.12 -17.62
N TYR B 111 3.27 -23.46 -16.73
CA TYR B 111 2.54 -24.74 -16.78
C TYR B 111 1.03 -24.58 -16.92
N GLY B 112 0.55 -23.34 -16.94
CA GLY B 112 -0.85 -23.10 -17.21
C GLY B 112 -1.80 -23.26 -16.03
N HIS B 113 -3.06 -22.96 -16.26
CA HIS B 113 -4.06 -22.94 -15.17
C HIS B 113 -4.99 -24.18 -15.14
N GLU B 114 -4.72 -25.17 -16.00
CA GLU B 114 -5.58 -26.37 -16.15
C GLU B 114 -5.98 -27.01 -14.81
N ARG B 115 -5.01 -27.17 -13.91
CA ARG B 115 -5.28 -27.92 -12.69
C ARG B 115 -5.76 -27.04 -11.55
N VAL B 116 -5.79 -25.72 -11.78
CA VAL B 116 -5.97 -24.76 -10.67
C VAL B 116 -7.40 -24.31 -10.48
N ALA B 117 -7.91 -24.42 -9.26
CA ALA B 117 -9.22 -23.86 -8.92
C ALA B 117 -9.10 -22.47 -8.34
N LYS B 118 -8.16 -22.27 -7.42
CA LYS B 118 -8.04 -20.98 -6.70
C LYS B 118 -6.58 -20.73 -6.38
N LEU B 119 -6.22 -19.46 -6.18
CA LEU B 119 -4.85 -19.06 -5.87
C LEU B 119 -4.86 -18.15 -4.65
N ALA B 120 -4.03 -18.43 -3.65
CA ALA B 120 -3.91 -17.51 -2.50
C ALA B 120 -2.44 -17.17 -2.31
N PHE B 121 -2.14 -15.86 -2.33
CA PHE B 121 -0.76 -15.37 -2.23
C PHE B 121 -0.63 -14.63 -0.90
N LEU B 122 0.17 -15.18 0.01
CA LEU B 122 0.32 -14.60 1.37
C LEU B 122 1.74 -14.09 1.55
N ALA B 123 1.87 -12.80 1.92
CA ALA B 123 3.20 -12.19 2.09
C ALA B 123 4.10 -12.38 0.84
N SER B 124 3.62 -11.82 -0.28
CA SER B 124 4.10 -12.11 -1.63
C SER B 124 5.36 -11.40 -2.05
N LEU B 125 6.13 -12.05 -2.92
CA LEU B 125 7.27 -11.44 -3.61
C LEU B 125 6.83 -10.49 -4.74
N GLU B 126 5.69 -10.79 -5.36
CA GLU B 126 5.30 -10.16 -6.62
C GLU B 126 5.03 -8.65 -6.44
N PRO B 127 5.16 -7.86 -7.50
CA PRO B 127 5.48 -8.31 -8.87
C PRO B 127 6.95 -8.34 -9.30
N PHE B 128 7.82 -7.56 -8.62
CA PHE B 128 9.23 -7.53 -9.01
C PHE B 128 9.93 -6.79 -7.90
N LEU B 129 10.65 -7.53 -7.07
CA LEU B 129 11.08 -7.02 -5.78
C LEU B 129 12.28 -6.08 -5.80
N VAL B 130 13.16 -6.26 -6.78
CA VAL B 130 14.40 -5.48 -6.80
C VAL B 130 14.29 -4.23 -7.67
N GLN B 131 14.84 -3.13 -7.16
CA GLN B 131 14.84 -1.87 -7.89
C GLN B 131 15.67 -1.96 -9.18
N ARG B 132 15.10 -1.45 -10.27
CA ARG B 132 15.76 -1.39 -11.58
C ARG B 132 15.30 -0.08 -12.26
N ASP B 133 15.92 0.27 -13.39
CA ASP B 133 15.50 1.47 -14.12
C ASP B 133 14.02 1.42 -14.52
N ASP B 134 13.56 0.23 -14.94
CA ASP B 134 12.16 0.04 -15.28
C ASP B 134 11.30 -0.46 -14.10
N ASN B 135 11.86 -0.39 -12.90
CA ASN B 135 11.15 -0.84 -11.70
C ASN B 135 11.54 -0.01 -10.47
N PRO B 136 11.20 1.28 -10.49
CA PRO B 136 11.67 2.18 -9.42
C PRO B 136 11.09 1.88 -8.03
N GLU B 137 9.99 1.13 -7.94
CA GLU B 137 9.35 0.86 -6.66
C GLU B 137 10.02 -0.28 -5.88
N GLY B 138 10.96 -0.94 -6.53
CA GLY B 138 11.65 -2.08 -5.93
C GLY B 138 12.63 -1.71 -4.84
N VAL B 139 13.12 -2.72 -4.15
CA VAL B 139 14.10 -2.57 -3.07
C VAL B 139 15.48 -2.58 -3.70
N PRO B 140 16.37 -1.65 -3.33
CA PRO B 140 17.70 -1.59 -3.95
C PRO B 140 18.49 -2.92 -3.91
N GLN B 141 19.20 -3.20 -5.00
CA GLN B 141 20.01 -4.42 -5.14
C GLN B 141 20.96 -4.62 -3.96
N GLU B 142 21.53 -3.54 -3.45
CA GLU B 142 22.50 -3.66 -2.35
C GLU B 142 21.93 -4.40 -1.12
N VAL B 143 20.61 -4.28 -0.89
CA VAL B 143 19.97 -5.00 0.21
C VAL B 143 20.17 -6.50 0.01
N PHE B 144 19.92 -6.96 -1.21
CA PHE B 144 20.06 -8.39 -1.53
C PHE B 144 21.50 -8.86 -1.57
N ASP B 145 22.40 -8.02 -2.07
CA ASP B 145 23.81 -8.34 -2.03
C ASP B 145 24.23 -8.58 -0.57
N GLY B 146 23.72 -7.74 0.34
CA GLY B 146 24.05 -7.84 1.76
C GLY B 146 23.50 -9.12 2.39
N ILE B 147 22.26 -9.47 2.04
CA ILE B 147 21.64 -10.69 2.57
C ILE B 147 22.43 -11.89 2.06
N GLU B 148 22.74 -11.90 0.76
CA GLU B 148 23.50 -13.00 0.19
C GLU B 148 24.83 -13.20 0.90
N ALA B 149 25.55 -12.11 1.11
CA ALA B 149 26.85 -12.17 1.76
C ALA B 149 26.74 -12.66 3.21
N ALA B 150 25.70 -12.24 3.92
CA ALA B 150 25.50 -12.66 5.31
C ALA B 150 25.20 -14.15 5.39
N ALA B 151 24.32 -14.59 4.51
CA ALA B 151 23.88 -16.00 4.50
C ALA B 151 25.00 -16.94 4.04
N LYS B 152 25.83 -16.49 3.11
CA LYS B 152 27.00 -17.27 2.72
C LYS B 152 28.08 -17.20 3.79
N GLY B 153 28.21 -16.03 4.41
CA GLY B 153 29.23 -15.76 5.42
C GLY B 153 29.18 -16.68 6.63
N ASP B 154 27.97 -16.89 7.14
CA ASP B 154 27.75 -17.80 8.28
C ASP B 154 26.25 -17.98 8.39
N ARG B 155 25.72 -19.05 7.79
CA ARG B 155 24.27 -19.21 7.74
C ARG B 155 23.66 -19.37 9.14
N PHE B 156 24.42 -19.93 10.08
CA PHE B 156 23.92 -20.14 11.44
C PHE B 156 23.60 -18.82 12.13
N ALA B 157 24.55 -17.90 12.08
CA ALA B 157 24.31 -16.59 12.66
C ALA B 157 23.32 -15.78 11.84
N TRP B 158 23.38 -15.93 10.51
CA TRP B 158 22.45 -15.24 9.63
C TRP B 158 20.99 -15.59 9.96
N PHE B 159 20.70 -16.87 10.18
CA PHE B 159 19.28 -17.20 10.43
C PHE B 159 18.74 -16.53 11.69
N THR B 160 19.58 -16.38 12.71
CA THR B 160 19.18 -15.63 13.92
C THR B 160 18.77 -14.20 13.55
N ASP B 161 19.62 -13.55 12.75
CA ASP B 161 19.34 -12.17 12.32
C ASP B 161 18.08 -12.10 11.46
N PHE B 162 17.95 -13.02 10.54
CA PHE B 162 16.79 -13.03 9.64
C PHE B 162 15.49 -13.15 10.44
N TYR B 163 15.46 -14.04 11.42
CA TYR B 163 14.23 -14.27 12.16
C TYR B 163 13.79 -13.09 13.02
N LYS B 164 14.76 -12.29 13.46
CA LYS B 164 14.40 -11.04 14.17
C LYS B 164 13.54 -10.13 13.29
N ASN B 165 13.93 -9.98 12.04
CA ASN B 165 13.19 -9.14 11.10
C ASN B 165 11.98 -9.85 10.52
N PHE B 166 12.04 -11.17 10.44
CA PHE B 166 10.93 -11.98 9.91
C PHE B 166 9.71 -11.84 10.81
N TYR B 167 9.93 -11.92 12.13
CA TYR B 167 8.82 -11.93 13.08
C TYR B 167 8.60 -10.56 13.76
N ASN B 168 9.42 -9.56 13.41
CA ASN B 168 9.48 -8.30 14.19
C ASN B 168 9.62 -8.60 15.69
N LEU B 169 10.71 -9.27 16.07
CA LEU B 169 10.82 -9.79 17.41
C LEU B 169 10.86 -8.71 18.51
N ASP B 170 11.42 -7.53 18.19
CA ASP B 170 11.43 -6.45 19.20
C ASP B 170 10.02 -6.18 19.69
N GLU B 171 9.05 -6.25 18.77
CA GLU B 171 7.65 -6.03 19.11
C GLU B 171 6.92 -7.30 19.58
N ASN B 172 7.24 -8.43 18.96
CA ASN B 172 6.38 -9.60 19.08
C ASN B 172 6.89 -10.74 19.96
N LEU B 173 8.19 -10.75 20.29
CA LEU B 173 8.72 -11.81 21.13
C LEU B 173 8.05 -11.75 22.51
N GLY B 174 7.48 -12.87 22.93
CA GLY B 174 6.77 -12.93 24.20
C GLY B 174 5.32 -12.47 24.20
N SER B 175 4.84 -11.92 23.08
CA SER B 175 3.42 -11.56 22.94
C SER B 175 2.71 -12.31 21.82
N ARG B 176 3.34 -12.36 20.65
CA ARG B 176 2.79 -13.11 19.51
C ARG B 176 3.68 -14.27 19.06
N ILE B 177 4.89 -14.38 19.59
CA ILE B 177 5.70 -15.60 19.36
C ILE B 177 6.62 -15.86 20.53
N SER B 178 6.66 -17.11 20.99
CA SER B 178 7.51 -17.46 22.12
C SER B 178 8.97 -17.65 21.69
N GLU B 179 9.87 -17.49 22.66
CA GLU B 179 11.28 -17.80 22.43
C GLU B 179 11.45 -19.22 21.88
N GLN B 180 10.66 -20.14 22.42
CA GLN B 180 10.76 -21.55 22.00
C GLN B 180 10.33 -21.73 20.54
N ALA B 181 9.26 -21.04 20.13
CA ALA B 181 8.85 -21.10 18.72
C ALA B 181 9.93 -20.52 17.80
N VAL B 182 10.59 -19.45 18.25
CA VAL B 182 11.67 -18.90 17.42
C VAL B 182 12.80 -19.93 17.31
N THR B 183 13.14 -20.58 18.41
CA THR B 183 14.18 -21.61 18.36
C THR B 183 13.77 -22.73 17.39
N GLY B 184 12.50 -23.11 17.42
CA GLY B 184 12.02 -24.12 16.47
C GLY B 184 12.23 -23.68 15.03
N SER B 185 11.95 -22.39 14.75
CA SER B 185 12.22 -21.87 13.41
C SER B 185 13.71 -21.97 13.04
N TRP B 186 14.58 -21.69 13.98
CA TRP B 186 16.01 -21.72 13.74
C TRP B 186 16.50 -23.17 13.52
N ASN B 187 15.98 -24.09 14.33
CA ASN B 187 16.40 -25.49 14.16
C ASN B 187 16.02 -26.04 12.79
N VAL B 188 14.83 -25.66 12.31
CA VAL B 188 14.42 -26.08 10.96
C VAL B 188 15.30 -25.40 9.90
N ALA B 189 15.58 -24.12 10.08
CA ALA B 189 16.42 -23.39 9.11
C ALA B 189 17.78 -24.03 8.91
N ILE B 190 18.45 -24.40 10.01
CA ILE B 190 19.82 -24.90 9.84
C ILE B 190 19.88 -26.28 9.24
N GLY B 191 18.73 -26.96 9.17
CA GLY B 191 18.66 -28.24 8.46
C GLY B 191 18.65 -28.12 6.95
N SER B 192 18.43 -26.91 6.43
CA SER B 192 18.44 -26.72 4.99
C SER B 192 19.86 -26.93 4.39
N ALA B 193 19.94 -27.15 3.08
CA ALA B 193 21.24 -27.31 2.41
C ALA B 193 22.06 -26.04 2.65
N PRO B 194 23.33 -26.19 3.01
CA PRO B 194 24.15 -24.98 3.21
C PRO B 194 24.04 -23.97 2.07
N VAL B 195 24.12 -24.45 0.83
CA VAL B 195 24.10 -23.54 -0.31
C VAL B 195 22.75 -22.83 -0.40
N ALA B 196 21.67 -23.47 0.06
CA ALA B 196 20.34 -22.90 -0.10
C ALA B 196 20.14 -21.64 0.73
N ALA B 197 20.97 -21.45 1.76
CA ALA B 197 20.82 -20.24 2.58
C ALA B 197 20.97 -18.96 1.74
N TYR B 198 21.84 -19.00 0.74
CA TYR B 198 22.06 -17.82 -0.12
C TYR B 198 21.63 -18.03 -1.56
N ALA B 199 21.59 -19.30 -2.02
CA ALA B 199 21.34 -19.51 -3.46
C ALA B 199 19.94 -19.07 -3.87
N VAL B 200 19.01 -19.04 -2.91
CA VAL B 200 17.64 -18.63 -3.23
C VAL B 200 17.48 -17.12 -3.41
N VAL B 201 18.46 -16.33 -2.97
CA VAL B 201 18.24 -14.87 -2.97
C VAL B 201 18.00 -14.29 -4.37
N PRO B 202 18.80 -14.66 -5.37
CA PRO B 202 18.51 -14.19 -6.74
C PRO B 202 17.14 -14.63 -7.23
N ALA B 203 16.66 -15.78 -6.75
CA ALA B 203 15.31 -16.21 -7.14
C ALA B 203 14.24 -15.28 -6.60
N TRP B 204 14.42 -14.80 -5.35
CA TRP B 204 13.43 -13.90 -4.74
C TRP B 204 13.17 -12.68 -5.61
N ILE B 205 14.22 -12.22 -6.29
CA ILE B 205 14.17 -10.94 -7.01
C ILE B 205 14.00 -11.10 -8.51
N GLU B 206 13.52 -12.27 -8.93
CA GLU B 206 13.16 -12.45 -10.34
C GLU B 206 11.99 -11.53 -10.72
N ASP B 207 11.90 -11.21 -12.00
CA ASP B 207 10.80 -10.38 -12.48
C ASP B 207 9.56 -11.26 -12.69
N PHE B 208 8.52 -11.05 -11.90
CA PHE B 208 7.28 -11.81 -12.04
C PHE B 208 6.19 -11.01 -12.78
N ARG B 209 6.54 -9.90 -13.40
CA ARG B 209 5.46 -9.05 -13.93
C ARG B 209 4.64 -9.75 -15.02
N SER B 210 5.34 -10.44 -15.93
CA SER B 210 4.66 -11.18 -17.00
C SER B 210 3.90 -12.36 -16.40
N ASP B 211 4.48 -13.00 -15.39
CA ASP B 211 3.78 -14.11 -14.74
C ASP B 211 2.46 -13.64 -14.12
N VAL B 212 2.48 -12.46 -13.50
CA VAL B 212 1.30 -11.95 -12.83
C VAL B 212 0.20 -11.63 -13.87
N GLU B 213 0.61 -11.20 -15.04
CA GLU B 213 -0.35 -10.99 -16.15
C GLU B 213 -1.04 -12.32 -16.51
N ALA B 214 -0.30 -13.42 -16.49
CA ALA B 214 -0.91 -14.75 -16.72
C ALA B 214 -1.84 -15.12 -15.58
N VAL B 215 -1.44 -14.81 -14.34
CA VAL B 215 -2.34 -15.02 -13.20
C VAL B 215 -3.65 -14.23 -13.37
N ARG B 216 -3.53 -12.97 -13.78
CA ARG B 216 -4.73 -12.17 -13.96
C ARG B 216 -5.64 -12.79 -15.04
N ALA B 217 -5.03 -13.13 -16.17
CA ALA B 217 -5.79 -13.63 -17.33
C ALA B 217 -6.49 -14.97 -17.02
N ALA B 218 -5.91 -15.76 -16.11
CA ALA B 218 -6.50 -17.06 -15.76
C ALA B 218 -7.90 -16.89 -15.17
N GLY B 219 -8.14 -15.77 -14.50
CA GLY B 219 -9.47 -15.44 -13.98
C GLY B 219 -10.01 -16.42 -12.96
N LYS B 220 -9.12 -16.99 -12.13
CA LYS B 220 -9.55 -17.85 -11.04
C LYS B 220 -9.73 -17.02 -9.78
N PRO B 221 -10.56 -17.48 -8.85
CA PRO B 221 -10.65 -16.80 -7.55
C PRO B 221 -9.26 -16.69 -6.95
N THR B 222 -8.89 -15.46 -6.57
CA THR B 222 -7.52 -15.20 -6.12
C THR B 222 -7.58 -14.35 -4.87
N LEU B 223 -6.69 -14.64 -3.93
CA LEU B 223 -6.56 -13.86 -2.68
C LEU B 223 -5.13 -13.36 -2.61
N ILE B 224 -4.97 -12.09 -2.23
CA ILE B 224 -3.65 -11.53 -1.94
C ILE B 224 -3.72 -10.94 -0.55
N LEU B 225 -2.80 -11.35 0.31
CA LEU B 225 -2.86 -10.95 1.72
C LEU B 225 -1.46 -10.58 2.17
N HIS B 226 -1.33 -9.53 2.98
CA HIS B 226 0.01 -9.08 3.40
C HIS B 226 -0.10 -8.36 4.74
N GLY B 227 0.97 -8.39 5.52
CA GLY B 227 1.02 -7.63 6.79
C GLY B 227 1.54 -6.22 6.57
N THR B 228 0.96 -5.26 7.30
CA THR B 228 1.35 -3.85 7.11
C THR B 228 2.67 -3.48 7.78
N LYS B 229 3.24 -4.36 8.61
CA LYS B 229 4.54 -4.13 9.22
C LYS B 229 5.52 -5.19 8.75
N ASP B 230 5.39 -5.58 7.48
CA ASP B 230 6.32 -6.56 6.94
C ASP B 230 7.66 -5.91 6.64
N ASN B 231 8.69 -6.32 7.37
CA ASN B 231 10.04 -5.75 7.24
C ASN B 231 10.98 -6.61 6.42
N ILE B 232 10.42 -7.65 5.78
CA ILE B 232 11.18 -8.46 4.84
C ILE B 232 10.76 -8.09 3.40
N LEU B 233 9.45 -8.17 3.15
CA LEU B 233 8.89 -7.81 1.85
C LEU B 233 8.00 -6.59 2.05
N PRO B 234 8.51 -5.39 1.80
CA PRO B 234 7.73 -4.19 2.09
C PRO B 234 6.42 -4.19 1.34
N ILE B 235 5.35 -3.84 2.05
CA ILE B 235 4.02 -3.93 1.49
C ILE B 235 3.85 -2.98 0.28
N ASP B 236 4.52 -1.83 0.29
CA ASP B 236 4.44 -0.94 -0.88
C ASP B 236 5.16 -1.46 -2.11
N ALA B 237 6.18 -2.30 -1.88
CA ALA B 237 6.99 -2.84 -2.98
C ALA B 237 6.35 -4.11 -3.55
N THR B 238 5.38 -4.66 -2.82
CA THR B 238 4.85 -6.00 -3.18
C THR B 238 3.32 -5.99 -3.28
N ALA B 239 2.62 -6.29 -2.18
CA ALA B 239 1.19 -6.52 -2.21
C ALA B 239 0.37 -5.38 -2.83
N ARG B 240 0.74 -4.14 -2.52
CA ARG B 240 -0.07 -3.02 -3.01
C ARG B 240 0.10 -2.83 -4.51
N ARG B 241 1.24 -3.26 -5.05
CA ARG B 241 1.44 -3.25 -6.48
C ARG B 241 0.78 -4.47 -7.11
N PHE B 242 0.90 -5.59 -6.40
CA PHE B 242 0.39 -6.89 -6.90
C PHE B 242 -1.12 -6.79 -7.11
N HIS B 243 -1.83 -6.19 -6.17
CA HIS B 243 -3.27 -6.10 -6.32
C HIS B 243 -3.68 -5.24 -7.51
N GLN B 244 -2.94 -4.19 -7.81
CA GLN B 244 -3.21 -3.40 -9.03
C GLN B 244 -3.16 -4.28 -10.27
N ALA B 245 -2.26 -5.28 -10.25
CA ALA B 245 -2.05 -6.15 -11.41
C ALA B 245 -3.07 -7.30 -11.47
N VAL B 246 -3.75 -7.57 -10.36
CA VAL B 246 -4.81 -8.59 -10.31
C VAL B 246 -5.99 -8.00 -9.54
N PRO B 247 -6.63 -6.98 -10.13
CA PRO B 247 -7.62 -6.18 -9.39
C PRO B 247 -8.87 -6.97 -9.00
N GLU B 248 -9.13 -8.07 -9.69
CA GLU B 248 -10.26 -8.93 -9.34
C GLU B 248 -10.00 -9.80 -8.11
N ALA B 249 -8.73 -9.86 -7.67
CA ALA B 249 -8.44 -10.62 -6.45
C ALA B 249 -9.06 -10.01 -5.21
N ASP B 250 -9.42 -10.86 -4.26
CA ASP B 250 -9.73 -10.42 -2.91
C ASP B 250 -8.43 -9.94 -2.30
N TYR B 251 -8.50 -8.91 -1.46
CA TYR B 251 -7.29 -8.27 -0.98
C TYR B 251 -7.42 -8.01 0.51
N VAL B 252 -6.43 -8.46 1.29
CA VAL B 252 -6.48 -8.31 2.75
C VAL B 252 -5.15 -7.77 3.25
N GLU B 253 -5.20 -6.68 4.01
CA GLU B 253 -4.01 -6.20 4.71
C GLU B 253 -4.20 -6.49 6.19
N VAL B 254 -3.25 -7.20 6.79
CA VAL B 254 -3.38 -7.52 8.19
C VAL B 254 -2.66 -6.44 8.98
N GLU B 255 -3.43 -5.60 9.68
CA GLU B 255 -2.86 -4.42 10.33
C GLU B 255 -1.85 -4.81 11.41
N GLY B 256 -0.64 -4.26 11.29
CA GLY B 256 0.39 -4.44 12.29
C GLY B 256 1.18 -5.74 12.20
N ALA B 257 0.87 -6.57 11.21
CA ALA B 257 1.51 -7.90 11.13
C ALA B 257 2.88 -7.86 10.46
N PRO B 258 3.78 -8.76 10.88
CA PRO B 258 5.13 -8.85 10.30
C PRO B 258 5.12 -9.79 9.10
N HIS B 259 6.30 -10.11 8.59
CA HIS B 259 6.39 -11.10 7.52
C HIS B 259 5.92 -12.47 7.99
N GLY B 260 6.31 -12.85 9.22
CA GLY B 260 6.04 -14.19 9.73
C GLY B 260 4.65 -14.37 10.29
N LEU B 261 3.66 -13.93 9.53
CA LEU B 261 2.32 -13.76 10.09
C LEU B 261 1.48 -15.03 10.09
N LEU B 262 1.95 -16.11 9.43
CA LEU B 262 1.24 -17.36 9.58
C LEU B 262 1.20 -17.75 11.05
N TRP B 263 2.27 -17.41 11.78
CA TRP B 263 2.32 -17.73 13.21
C TRP B 263 1.74 -16.56 14.03
N THR B 264 2.29 -15.36 13.84
CA THR B 264 1.95 -14.29 14.78
C THR B 264 0.50 -13.83 14.66
N HIS B 265 -0.05 -13.94 13.44
CA HIS B 265 -1.41 -13.48 13.16
C HIS B 265 -2.20 -14.62 12.51
N ALA B 266 -2.00 -15.81 13.05
CA ALA B 266 -2.66 -17.01 12.53
C ALA B 266 -4.18 -16.80 12.46
N ASP B 267 -4.76 -16.13 13.46
CA ASP B 267 -6.22 -15.95 13.44
C ASP B 267 -6.68 -15.16 12.23
N GLU B 268 -6.00 -14.05 11.93
CA GLU B 268 -6.37 -13.22 10.78
C GLU B 268 -6.15 -13.95 9.46
N VAL B 269 -5.04 -14.68 9.39
CA VAL B 269 -4.75 -15.43 8.17
C VAL B 269 -5.82 -16.50 7.97
N ASN B 270 -6.15 -17.20 9.05
CA ASN B 270 -7.13 -18.28 8.99
C ASN B 270 -8.51 -17.76 8.61
N ALA B 271 -8.88 -16.60 9.14
CA ALA B 271 -10.20 -16.02 8.81
C ALA B 271 -10.28 -15.66 7.33
N ALA B 272 -9.21 -15.07 6.80
CA ALA B 272 -9.17 -14.73 5.37
C ALA B 272 -9.25 -16.00 4.51
N LEU B 273 -8.49 -17.03 4.89
CA LEU B 273 -8.52 -18.26 4.10
C LEU B 273 -9.88 -18.94 4.16
N LYS B 274 -10.50 -18.92 5.34
CA LYS B 274 -11.78 -19.60 5.52
C LYS B 274 -12.83 -18.96 4.61
N THR B 275 -12.92 -17.65 4.67
CA THR B 275 -13.82 -16.88 3.79
C THR B 275 -13.56 -17.16 2.31
N PHE B 276 -12.29 -17.11 1.94
CA PHE B 276 -11.88 -17.28 0.56
C PHE B 276 -12.21 -18.69 0.02
N LEU B 277 -11.92 -19.69 0.82
CA LEU B 277 -12.15 -21.06 0.38
C LEU B 277 -13.65 -21.37 0.27
N ALA B 278 -14.46 -20.66 1.04
CA ALA B 278 -15.91 -20.93 1.11
C ALA B 278 -16.61 -20.39 -0.13
N LYS B 279 -15.94 -19.50 -0.86
CA LYS B 279 -16.52 -18.92 -2.08
C LYS B 279 -16.65 -19.95 -3.20
C1 BD1 C . -4.49 19.45 -6.87
C2 BD1 C . -3.39 19.79 -5.88
C3 BD1 C . -3.33 21.29 -5.56
O3 BD1 C . -4.12 21.62 -4.40
C4 BD1 C . -3.89 22.16 -6.67
O4 BD1 C . -5.25 22.42 -6.26
C5 BD1 C . -3.78 21.46 -8.02
C6 BD1 C . -4.68 20.25 -7.94
C7 BD1 C . -5.43 22.02 -4.89
O1 BD1 C . -5.96 23.10 -4.08
C1 BD1 D . 10.49 -13.59 0.57
C2 BD1 D . 11.08 -14.91 0.12
C3 BD1 D . 11.61 -15.73 1.30
O3 BD1 D . 10.60 -16.58 1.82
C4 BD1 D . 11.99 -14.87 2.51
O4 BD1 D . 10.83 -14.87 3.36
C5 BD1 D . 12.39 -13.47 2.05
C6 BD1 D . 11.13 -12.86 1.50
C7 BD1 D . 9.91 -15.89 2.91
O1 BD1 D . 9.56 -16.80 3.98
#